data_1F12
#
_entry.id   1F12
#
_cell.length_a   50.040
_cell.length_b   88.100
_cell.length_c   167.220
_cell.angle_alpha   90.00
_cell.angle_beta   90.00
_cell.angle_gamma   90.00
#
_symmetry.space_group_name_H-M   'P 21 21 21'
#
loop_
_entity.id
_entity.type
_entity.pdbx_description
1 polymer 'L-3-HYDROXYACYL-COA DEHYDROGENASE'
2 non-polymer '3-HYDROXYBUTANOYL-COENZYME A'
3 water water
#
_entity_poly.entity_id   1
_entity_poly.type   'polypeptide(L)'
_entity_poly.pdbx_seq_one_letter_code
;SSSSTASASAKKIIVKHVTVIGGGLMGAGIAQVAAATGHTVVLVDQTEDILAKSKKGIEESLRKVAKKKFAENPKAGDEC
VEKTLSTIATSTDAASVVHSTDLVVEAIVENLKVKNELFKRLDKFAAEHTIFASNTSSLQITSIANATTRQDRFAGLHFF
NPVPVMKLVEVIKTPMTSQKTFESLVDFSKALGKHPVSCKDTPGFIVNRLLVPYLMEAIRLYERGDASKEDIDTAMKLGA
GYPMGPFELLDYVGLDTTKFIVDGWHEMDAENPLHQPSPSLNKLVAENKFGKKTGEGFYKYKLEHHHHHH
;
_entity_poly.pdbx_strand_id   A,B
#
# COMPACT_ATOMS: atom_id res chain seq x y z
N LYS A 12 32.87 15.27 -16.32
CA LYS A 12 32.03 14.08 -15.97
C LYS A 12 32.54 12.76 -16.53
N ILE A 13 32.24 11.70 -15.80
CA ILE A 13 32.62 10.35 -16.19
C ILE A 13 31.35 9.51 -16.24
N ILE A 14 30.99 9.09 -17.44
CA ILE A 14 29.79 8.30 -17.64
C ILE A 14 30.06 6.83 -17.37
N VAL A 15 29.19 6.22 -16.57
CA VAL A 15 29.30 4.81 -16.23
C VAL A 15 29.00 3.96 -17.47
N LYS A 16 29.92 3.09 -17.83
CA LYS A 16 29.75 2.22 -18.98
C LYS A 16 30.04 0.80 -18.57
N HIS A 17 31.07 0.64 -17.75
CA HIS A 17 31.44 -0.69 -17.27
C HIS A 17 30.96 -0.83 -15.83
N VAL A 18 30.24 -1.90 -15.55
CA VAL A 18 29.69 -2.09 -14.22
C VAL A 18 30.03 -3.44 -13.66
N THR A 19 30.43 -3.46 -12.40
CA THR A 19 30.76 -4.73 -11.78
C THR A 19 29.73 -5.01 -10.72
N VAL A 20 28.95 -6.06 -10.92
CA VAL A 20 27.92 -6.41 -9.95
C VAL A 20 28.33 -7.62 -9.16
N ILE A 21 28.38 -7.45 -7.85
CA ILE A 21 28.81 -8.54 -6.97
C ILE A 21 27.64 -9.17 -6.23
N GLY A 22 27.37 -10.43 -6.57
CA GLY A 22 26.27 -11.16 -5.95
C GLY A 22 25.38 -11.74 -7.04
N GLY A 23 25.43 -13.06 -7.20
CA GLY A 23 24.63 -13.72 -8.22
C GLY A 23 23.21 -13.96 -7.75
N GLY A 24 22.84 -13.33 -6.64
CA GLY A 24 21.50 -13.47 -6.09
C GLY A 24 20.44 -12.91 -7.02
N LEU A 25 19.18 -12.99 -6.60
CA LEU A 25 18.12 -12.49 -7.43
C LEU A 25 18.25 -10.99 -7.68
N MET A 26 18.73 -10.24 -6.69
CA MET A 26 18.92 -8.80 -6.85
C MET A 26 20.08 -8.49 -7.80
N GLY A 27 21.25 -9.05 -7.50
CA GLY A 27 22.43 -8.81 -8.32
C GLY A 27 22.19 -9.22 -9.75
N ALA A 28 21.58 -10.39 -9.93
CA ALA A 28 21.27 -10.88 -11.27
C ALA A 28 20.45 -9.82 -11.99
N GLY A 29 19.39 -9.36 -11.34
CA GLY A 29 18.53 -8.37 -11.94
C GLY A 29 19.26 -7.08 -12.28
N ILE A 30 20.15 -6.63 -11.40
CA ILE A 30 20.87 -5.40 -11.66
C ILE A 30 21.76 -5.61 -12.88
N ALA A 31 22.39 -6.77 -12.95
CA ALA A 31 23.27 -7.07 -14.08
C ALA A 31 22.46 -7.09 -15.38
N GLN A 32 21.29 -7.71 -15.31
CA GLN A 32 20.40 -7.84 -16.46
C GLN A 32 20.01 -6.47 -17.02
N VAL A 33 19.41 -5.63 -16.18
CA VAL A 33 18.98 -4.32 -16.63
C VAL A 33 20.14 -3.48 -17.13
N ALA A 34 21.29 -3.59 -16.47
CA ALA A 34 22.47 -2.83 -16.86
C ALA A 34 22.91 -3.26 -18.24
N ALA A 35 22.97 -4.58 -18.44
CA ALA A 35 23.38 -5.12 -19.72
C ALA A 35 22.39 -4.83 -20.83
N ALA A 36 21.10 -4.89 -20.52
CA ALA A 36 20.05 -4.65 -21.52
C ALA A 36 19.99 -3.21 -21.94
N THR A 37 20.61 -2.33 -21.14
CA THR A 37 20.63 -0.92 -21.48
C THR A 37 22.00 -0.47 -22.01
N GLY A 38 22.71 -1.39 -22.64
CA GLY A 38 24.00 -1.07 -23.22
C GLY A 38 25.22 -0.93 -22.33
N HIS A 39 25.16 -1.41 -21.09
CA HIS A 39 26.33 -1.33 -20.21
C HIS A 39 27.13 -2.63 -20.29
N THR A 40 28.44 -2.54 -20.19
CA THR A 40 29.27 -3.74 -20.21
C THR A 40 29.24 -4.19 -18.77
N VAL A 41 28.84 -5.43 -18.55
CA VAL A 41 28.70 -5.96 -17.21
C VAL A 41 29.52 -7.19 -16.86
N VAL A 42 29.98 -7.23 -15.61
CA VAL A 42 30.69 -8.38 -15.11
C VAL A 42 29.95 -8.79 -13.83
N LEU A 43 29.37 -9.98 -13.85
CA LEU A 43 28.65 -10.52 -12.70
C LEU A 43 29.63 -11.38 -11.92
N VAL A 44 29.77 -11.11 -10.63
CA VAL A 44 30.69 -11.84 -9.77
C VAL A 44 30.12 -12.61 -8.60
N ASP A 45 30.48 -13.88 -8.50
CA ASP A 45 30.05 -14.71 -7.38
C ASP A 45 31.10 -15.83 -7.17
N GLN A 46 31.00 -16.53 -6.05
CA GLN A 46 31.93 -17.58 -5.66
C GLN A 46 32.40 -18.67 -6.63
N THR A 47 31.49 -19.35 -7.32
CA THR A 47 31.94 -20.40 -8.24
C THR A 47 31.45 -20.21 -9.67
N GLU A 48 31.88 -21.08 -10.58
CA GLU A 48 31.46 -20.98 -11.97
C GLU A 48 30.06 -21.53 -12.12
N ASP A 49 29.71 -22.55 -11.33
CA ASP A 49 28.39 -23.13 -11.39
C ASP A 49 27.33 -22.16 -10.86
N ILE A 50 27.66 -21.46 -9.77
CA ILE A 50 26.73 -20.50 -9.22
C ILE A 50 26.45 -19.44 -10.29
N LEU A 51 27.51 -18.92 -10.89
CA LEU A 51 27.40 -17.90 -11.93
C LEU A 51 26.60 -18.40 -13.13
N ALA A 52 26.78 -19.67 -13.48
CA ALA A 52 26.07 -20.26 -14.60
C ALA A 52 24.58 -20.35 -14.26
N LYS A 53 24.28 -20.68 -13.01
CA LYS A 53 22.90 -20.79 -12.58
C LYS A 53 22.26 -19.40 -12.61
N SER A 54 22.97 -18.42 -12.08
CA SER A 54 22.47 -17.05 -12.04
C SER A 54 22.21 -16.50 -13.42
N LYS A 55 23.15 -16.74 -14.33
CA LYS A 55 23.01 -16.24 -15.67
C LYS A 55 21.92 -17.00 -16.43
N LYS A 56 21.58 -18.18 -15.96
CA LYS A 56 20.53 -18.96 -16.61
C LYS A 56 19.20 -18.27 -16.28
N GLY A 57 19.03 -17.90 -15.02
CA GLY A 57 17.80 -17.23 -14.60
C GLY A 57 17.59 -15.94 -15.34
N ILE A 58 18.68 -15.24 -15.62
CA ILE A 58 18.64 -13.99 -16.34
C ILE A 58 18.16 -14.25 -17.76
N GLU A 59 18.72 -15.28 -18.38
CA GLU A 59 18.36 -15.64 -19.74
C GLU A 59 16.87 -15.97 -19.82
N GLU A 60 16.39 -16.75 -18.86
CA GLU A 60 14.99 -17.12 -18.85
C GLU A 60 14.14 -15.88 -18.70
N SER A 61 14.53 -14.96 -17.82
CA SER A 61 13.76 -13.74 -17.65
C SER A 61 13.80 -12.89 -18.91
N LEU A 62 14.89 -12.97 -19.65
CA LEU A 62 15.02 -12.20 -20.89
C LEU A 62 14.19 -12.76 -22.02
N ARG A 63 14.24 -14.07 -22.23
CA ARG A 63 13.46 -14.66 -23.31
C ARG A 63 11.97 -14.45 -23.02
N LYS A 64 11.66 -14.23 -21.74
CA LYS A 64 10.30 -14.00 -21.31
C LYS A 64 9.88 -12.59 -21.75
N VAL A 65 10.80 -11.65 -21.62
CA VAL A 65 10.56 -10.26 -22.01
C VAL A 65 10.55 -10.12 -23.53
N ALA A 66 11.35 -10.95 -24.19
CA ALA A 66 11.48 -10.93 -25.65
C ALA A 66 10.29 -11.54 -26.39
N LYS A 67 9.93 -12.77 -26.04
CA LYS A 67 8.81 -13.45 -26.69
C LYS A 67 7.53 -12.69 -26.36
N LYS A 68 7.70 -11.54 -25.71
CA LYS A 68 6.59 -10.69 -25.32
C LYS A 68 6.64 -9.40 -26.12
N LYS A 69 7.83 -8.82 -26.25
CA LYS A 69 8.00 -7.59 -27.02
C LYS A 69 8.10 -7.91 -28.50
N PHE A 70 8.48 -9.13 -28.81
CA PHE A 70 8.62 -9.58 -30.19
C PHE A 70 7.81 -10.85 -30.36
N ALA A 71 6.63 -10.86 -29.75
CA ALA A 71 5.74 -12.00 -29.82
C ALA A 71 5.52 -12.46 -31.25
N GLU A 72 5.78 -11.56 -32.20
CA GLU A 72 5.56 -11.88 -33.60
C GLU A 72 6.83 -12.15 -34.40
N ASN A 73 7.99 -11.92 -33.78
CA ASN A 73 9.24 -12.12 -34.51
C ASN A 73 10.29 -12.89 -33.68
N PRO A 74 10.23 -14.22 -33.66
CA PRO A 74 11.21 -15.00 -32.90
C PRO A 74 12.66 -14.59 -33.14
N LYS A 75 13.05 -14.43 -34.39
CA LYS A 75 14.42 -14.02 -34.68
C LYS A 75 14.79 -12.74 -33.95
N ALA A 76 13.94 -11.72 -34.04
CA ALA A 76 14.23 -10.46 -33.38
C ALA A 76 14.38 -10.68 -31.88
N GLY A 77 13.54 -11.58 -31.35
CA GLY A 77 13.58 -11.88 -29.94
C GLY A 77 14.87 -12.58 -29.54
N ASP A 78 15.39 -13.44 -30.41
CA ASP A 78 16.63 -14.14 -30.12
C ASP A 78 17.81 -13.16 -30.08
N GLU A 79 17.89 -12.26 -31.06
CA GLU A 79 18.99 -11.31 -31.09
C GLU A 79 18.94 -10.45 -29.85
N CYS A 80 17.74 -9.97 -29.51
CA CYS A 80 17.57 -9.14 -28.32
C CYS A 80 18.21 -9.82 -27.14
N VAL A 81 17.84 -11.08 -26.92
CA VAL A 81 18.37 -11.86 -25.83
C VAL A 81 19.88 -12.11 -25.94
N GLU A 82 20.35 -12.48 -27.13
CA GLU A 82 21.77 -12.76 -27.35
C GLU A 82 22.66 -11.56 -27.05
N LYS A 83 22.41 -10.44 -27.72
CA LYS A 83 23.22 -9.24 -27.49
C LYS A 83 23.39 -8.93 -26.00
N THR A 84 22.28 -8.80 -25.30
CA THR A 84 22.26 -8.49 -23.88
C THR A 84 23.06 -9.51 -23.07
N LEU A 85 22.77 -10.77 -23.33
CA LEU A 85 23.40 -11.87 -22.63
C LEU A 85 24.92 -11.92 -22.89
N SER A 86 25.36 -11.47 -24.06
CA SER A 86 26.78 -11.50 -24.38
C SER A 86 27.54 -10.31 -23.81
N THR A 87 26.84 -9.42 -23.11
CA THR A 87 27.54 -8.28 -22.52
C THR A 87 27.64 -8.48 -21.02
N ILE A 88 27.36 -9.70 -20.57
CA ILE A 88 27.45 -10.04 -19.17
C ILE A 88 28.54 -11.09 -19.02
N ALA A 89 29.71 -10.67 -18.55
CA ALA A 89 30.82 -11.59 -18.37
C ALA A 89 30.81 -12.01 -16.91
N THR A 90 31.41 -13.17 -16.61
CA THR A 90 31.42 -13.65 -15.24
C THR A 90 32.82 -13.92 -14.68
N SER A 91 33.01 -13.59 -13.41
CA SER A 91 34.30 -13.79 -12.72
C SER A 91 34.03 -14.14 -11.26
N THR A 92 34.92 -14.95 -10.68
CA THR A 92 34.80 -15.36 -9.28
C THR A 92 35.55 -14.47 -8.32
N ASP A 93 36.34 -13.54 -8.83
CA ASP A 93 37.08 -12.64 -7.96
C ASP A 93 36.94 -11.22 -8.52
N ALA A 94 36.10 -10.42 -7.87
CA ALA A 94 35.89 -9.07 -8.34
C ALA A 94 37.19 -8.26 -8.39
N ALA A 95 38.12 -8.54 -7.48
CA ALA A 95 39.40 -7.84 -7.44
C ALA A 95 40.11 -7.97 -8.79
N SER A 96 39.76 -9.00 -9.55
CA SER A 96 40.37 -9.21 -10.85
C SER A 96 39.74 -8.41 -11.99
N VAL A 97 38.71 -7.63 -11.71
CA VAL A 97 38.06 -6.84 -12.76
C VAL A 97 37.90 -5.35 -12.44
N VAL A 98 37.78 -5.04 -11.16
CA VAL A 98 37.58 -3.66 -10.74
C VAL A 98 38.65 -2.65 -11.12
N HIS A 99 39.82 -3.12 -11.55
CA HIS A 99 40.87 -2.17 -11.90
C HIS A 99 40.46 -1.40 -13.15
N SER A 100 39.52 -1.96 -13.90
CA SER A 100 39.04 -1.31 -15.11
C SER A 100 37.52 -1.09 -15.17
N THR A 101 36.85 -1.03 -14.03
CA THR A 101 35.40 -0.82 -14.02
C THR A 101 35.06 0.58 -13.54
N ASP A 102 33.91 1.09 -13.97
CA ASP A 102 33.50 2.44 -13.59
C ASP A 102 32.67 2.45 -12.32
N LEU A 103 31.94 1.37 -12.10
CA LEU A 103 31.07 1.29 -10.93
C LEU A 103 30.99 -0.12 -10.40
N VAL A 104 30.92 -0.23 -9.09
CA VAL A 104 30.75 -1.52 -8.46
C VAL A 104 29.44 -1.46 -7.68
N VAL A 105 28.60 -2.45 -7.93
CA VAL A 105 27.33 -2.53 -7.21
C VAL A 105 27.36 -3.83 -6.45
N GLU A 106 27.38 -3.71 -5.13
CA GLU A 106 27.41 -4.88 -4.28
C GLU A 106 26.06 -5.26 -3.72
N ALA A 107 25.76 -6.55 -3.85
CA ALA A 107 24.49 -7.09 -3.40
C ALA A 107 24.72 -8.49 -2.86
N ILE A 108 25.53 -8.59 -1.80
CA ILE A 108 25.86 -9.89 -1.20
C ILE A 108 25.27 -9.99 0.20
N VAL A 109 25.59 -11.10 0.89
CA VAL A 109 25.13 -11.37 2.25
C VAL A 109 25.03 -10.06 3.04
N GLU A 110 23.95 -9.92 3.77
CA GLU A 110 23.73 -8.71 4.55
C GLU A 110 24.52 -8.79 5.85
N ASN A 111 25.84 -8.95 5.72
CA ASN A 111 26.75 -9.04 6.85
C ASN A 111 27.77 -7.91 6.82
N LEU A 112 27.76 -7.07 7.84
CA LEU A 112 28.69 -5.95 7.91
C LEU A 112 30.18 -6.29 7.77
N LYS A 113 30.64 -7.33 8.47
CA LYS A 113 32.06 -7.70 8.39
C LYS A 113 32.42 -8.14 6.98
N VAL A 114 31.58 -8.98 6.39
CA VAL A 114 31.81 -9.48 5.03
C VAL A 114 31.79 -8.40 3.97
N LYS A 115 30.98 -7.38 4.18
CA LYS A 115 30.91 -6.29 3.22
C LYS A 115 32.16 -5.43 3.30
N ASN A 116 32.51 -5.02 4.51
CA ASN A 116 33.71 -4.20 4.69
C ASN A 116 34.95 -4.91 4.21
N GLU A 117 35.07 -6.20 4.51
CA GLU A 117 36.22 -6.96 4.07
C GLU A 117 36.30 -6.86 2.55
N LEU A 118 35.16 -7.04 1.90
CA LEU A 118 35.10 -6.96 0.44
C LEU A 118 35.55 -5.61 -0.11
N PHE A 119 35.00 -4.53 0.44
CA PHE A 119 35.33 -3.20 -0.06
C PHE A 119 36.72 -2.71 0.28
N LYS A 120 37.25 -3.19 1.41
CA LYS A 120 38.58 -2.80 1.83
C LYS A 120 39.56 -3.37 0.78
N ARG A 121 39.31 -4.61 0.36
CA ARG A 121 40.16 -5.24 -0.62
C ARG A 121 40.01 -4.64 -2.01
N LEU A 122 38.77 -4.48 -2.48
CA LEU A 122 38.54 -3.91 -3.80
C LEU A 122 39.06 -2.49 -3.88
N ASP A 123 39.06 -1.81 -2.75
CA ASP A 123 39.53 -0.43 -2.73
C ASP A 123 41.00 -0.29 -3.13
N LYS A 124 41.72 -1.41 -3.19
CA LYS A 124 43.13 -1.39 -3.59
C LYS A 124 43.31 -1.71 -5.07
N PHE A 125 42.38 -2.47 -5.65
CA PHE A 125 42.46 -2.83 -7.07
C PHE A 125 41.69 -1.89 -7.98
N ALA A 126 40.69 -1.21 -7.43
CA ALA A 126 39.86 -0.33 -8.24
C ALA A 126 40.55 0.94 -8.74
N ALA A 127 40.24 1.31 -9.97
CA ALA A 127 40.79 2.54 -10.54
C ALA A 127 40.34 3.71 -9.66
N GLU A 128 40.99 4.85 -9.81
CA GLU A 128 40.66 6.03 -9.01
C GLU A 128 39.23 6.52 -9.18
N HIS A 129 38.74 6.56 -10.41
CA HIS A 129 37.40 7.09 -10.64
C HIS A 129 36.28 6.15 -10.20
N THR A 130 36.55 4.85 -10.22
CA THR A 130 35.54 3.86 -9.84
C THR A 130 34.71 4.28 -8.64
N ILE A 131 33.41 4.07 -8.71
CA ILE A 131 32.49 4.40 -7.62
C ILE A 131 32.04 3.10 -6.97
N PHE A 132 31.86 3.13 -5.66
CA PHE A 132 31.40 1.94 -4.95
C PHE A 132 29.97 2.20 -4.43
N ALA A 133 29.09 1.24 -4.67
CA ALA A 133 27.73 1.35 -4.23
C ALA A 133 27.24 0.03 -3.68
N SER A 134 26.44 0.11 -2.61
CA SER A 134 25.85 -1.06 -1.98
C SER A 134 24.34 -1.05 -2.10
N ASN A 135 23.76 -2.21 -2.36
CA ASN A 135 22.31 -2.37 -2.49
C ASN A 135 21.77 -2.85 -1.15
N THR A 136 22.52 -2.60 -0.08
CA THR A 136 22.11 -3.08 1.24
C THR A 136 20.83 -2.45 1.74
N SER A 137 20.01 -3.26 2.40
CA SER A 137 18.73 -2.81 2.94
C SER A 137 18.77 -2.67 4.44
N SER A 138 19.69 -3.38 5.09
CA SER A 138 19.75 -3.33 6.55
C SER A 138 21.02 -2.79 7.16
N LEU A 139 21.73 -1.92 6.46
CA LEU A 139 22.96 -1.35 7.01
C LEU A 139 23.09 0.12 6.59
N GLN A 140 23.85 0.90 7.34
CA GLN A 140 24.06 2.30 6.98
C GLN A 140 25.16 2.33 5.94
N ILE A 141 24.93 3.05 4.85
CA ILE A 141 25.93 3.14 3.79
C ILE A 141 27.20 3.70 4.38
N THR A 142 27.05 4.58 5.36
CA THR A 142 28.20 5.18 6.01
C THR A 142 29.06 4.12 6.71
N SER A 143 28.42 3.11 7.27
CA SER A 143 29.15 2.05 7.96
C SER A 143 30.09 1.34 7.01
N ILE A 144 29.58 0.96 5.85
CA ILE A 144 30.37 0.26 4.86
C ILE A 144 31.40 1.14 4.18
N ALA A 145 31.06 2.39 3.96
CA ALA A 145 31.98 3.32 3.31
C ALA A 145 33.29 3.49 4.09
N ASN A 146 33.18 3.64 5.41
CA ASN A 146 34.36 3.82 6.23
C ASN A 146 35.27 2.61 6.31
N ALA A 147 35.16 1.71 5.33
CA ALA A 147 36.01 0.54 5.29
C ALA A 147 36.96 0.76 4.11
N THR A 148 36.90 1.95 3.53
CA THR A 148 37.75 2.30 2.40
C THR A 148 38.27 3.72 2.61
N THR A 149 39.06 4.21 1.65
CA THR A 149 39.59 5.57 1.70
C THR A 149 39.03 6.26 0.46
N ARG A 150 37.85 5.79 0.06
CA ARG A 150 37.15 6.25 -1.13
C ARG A 150 35.70 6.67 -0.81
N GLN A 151 35.48 7.22 0.39
CA GLN A 151 34.14 7.62 0.81
C GLN A 151 33.48 8.67 -0.09
N ASP A 152 34.29 9.48 -0.75
CA ASP A 152 33.75 10.51 -1.65
C ASP A 152 33.18 9.83 -2.89
N ARG A 153 33.56 8.57 -3.08
CA ARG A 153 33.08 7.79 -4.21
C ARG A 153 32.27 6.58 -3.74
N PHE A 154 31.72 6.69 -2.54
CA PHE A 154 30.91 5.59 -2.01
C PHE A 154 29.49 6.06 -1.71
N ALA A 155 28.51 5.25 -2.10
CA ALA A 155 27.11 5.61 -1.88
C ALA A 155 26.21 4.39 -1.94
N GLY A 156 24.93 4.62 -1.65
CA GLY A 156 23.97 3.55 -1.72
C GLY A 156 23.21 3.65 -3.05
N LEU A 157 22.91 2.50 -3.64
CA LEU A 157 22.17 2.43 -4.90
C LEU A 157 21.23 1.26 -4.60
N HIS A 158 20.02 1.58 -4.15
CA HIS A 158 19.08 0.56 -3.73
C HIS A 158 17.98 0.24 -4.74
N PHE A 159 17.88 -1.03 -5.14
CA PHE A 159 16.87 -1.47 -6.11
C PHE A 159 15.70 -2.22 -5.48
N PHE A 160 14.68 -2.48 -6.29
CA PHE A 160 13.49 -3.16 -5.80
C PHE A 160 13.07 -4.35 -6.64
N ASN A 161 12.71 -5.40 -5.93
CA ASN A 161 12.27 -6.65 -6.53
C ASN A 161 10.82 -6.55 -7.01
N PRO A 162 10.55 -6.94 -8.26
CA PRO A 162 11.49 -7.46 -9.25
C PRO A 162 12.27 -6.33 -9.95
N VAL A 163 13.59 -6.38 -9.84
CA VAL A 163 14.46 -5.36 -10.46
C VAL A 163 14.17 -5.10 -11.94
N PRO A 164 13.98 -6.15 -12.74
CA PRO A 164 13.71 -5.86 -14.15
C PRO A 164 12.44 -5.02 -14.36
N VAL A 165 11.48 -5.12 -13.44
CA VAL A 165 10.22 -4.38 -13.57
C VAL A 165 10.08 -3.09 -12.77
N MET A 166 10.42 -3.12 -11.48
CA MET A 166 10.27 -1.91 -10.65
C MET A 166 11.20 -0.79 -11.14
N LYS A 167 10.59 0.33 -11.50
CA LYS A 167 11.30 1.47 -12.03
C LYS A 167 12.12 2.27 -11.03
N LEU A 168 11.83 2.11 -9.74
CA LEU A 168 12.54 2.88 -8.73
C LEU A 168 13.99 2.43 -8.41
N VAL A 169 14.81 3.41 -8.02
CA VAL A 169 16.19 3.18 -7.59
C VAL A 169 16.50 4.28 -6.60
N GLU A 170 16.79 3.93 -5.35
CA GLU A 170 17.12 4.93 -4.36
C GLU A 170 18.63 5.16 -4.40
N VAL A 171 19.02 6.42 -4.54
CA VAL A 171 20.43 6.79 -4.60
C VAL A 171 20.74 7.44 -3.27
N ILE A 172 21.42 6.68 -2.40
CA ILE A 172 21.75 7.18 -1.08
C ILE A 172 23.10 7.85 -0.98
N LYS A 173 23.08 9.06 -0.46
CA LYS A 173 24.27 9.87 -0.31
C LYS A 173 24.64 9.97 1.17
N THR A 174 25.89 9.64 1.50
CA THR A 174 26.36 9.74 2.87
C THR A 174 26.90 11.16 2.99
N PRO A 175 27.19 11.60 4.22
CA PRO A 175 27.71 12.97 4.37
C PRO A 175 29.00 13.18 3.57
N MET A 176 29.66 12.09 3.21
CA MET A 176 30.92 12.18 2.47
C MET A 176 30.82 11.98 0.97
N THR A 177 29.68 11.49 0.48
CA THR A 177 29.52 11.30 -0.96
C THR A 177 29.64 12.65 -1.65
N SER A 178 30.53 12.75 -2.62
CA SER A 178 30.69 14.01 -3.34
C SER A 178 29.49 14.23 -4.26
N GLN A 179 29.22 15.49 -4.60
CA GLN A 179 28.12 15.81 -5.48
C GLN A 179 28.36 15.08 -6.80
N LYS A 180 29.59 15.15 -7.28
CA LYS A 180 29.95 14.49 -8.53
C LYS A 180 29.56 13.01 -8.53
N THR A 181 29.84 12.33 -7.43
CA THR A 181 29.52 10.92 -7.35
C THR A 181 28.00 10.74 -7.38
N PHE A 182 27.29 11.67 -6.76
CA PHE A 182 25.84 11.63 -6.72
C PHE A 182 25.25 11.75 -8.13
N GLU A 183 25.58 12.84 -8.81
CA GLU A 183 25.07 13.09 -10.15
C GLU A 183 25.30 11.90 -11.09
N SER A 184 26.46 11.29 -10.98
CA SER A 184 26.81 10.15 -11.82
C SER A 184 25.90 8.95 -11.57
N LEU A 185 25.60 8.68 -10.31
CA LEU A 185 24.73 7.55 -10.01
C LEU A 185 23.32 7.89 -10.48
N VAL A 186 22.98 9.18 -10.43
CA VAL A 186 21.68 9.66 -10.89
C VAL A 186 21.56 9.45 -12.40
N ASP A 187 22.60 9.78 -13.16
CA ASP A 187 22.56 9.62 -14.60
C ASP A 187 22.56 8.15 -14.95
N PHE A 188 23.29 7.36 -14.17
CA PHE A 188 23.36 5.93 -14.36
C PHE A 188 21.97 5.32 -14.15
N SER A 189 21.29 5.76 -13.11
CA SER A 189 19.94 5.27 -12.83
C SER A 189 19.03 5.51 -14.04
N LYS A 190 19.07 6.73 -14.58
CA LYS A 190 18.24 7.07 -15.73
C LYS A 190 18.67 6.27 -16.95
N ALA A 191 19.97 6.01 -17.06
CA ALA A 191 20.48 5.24 -18.18
C ALA A 191 19.91 3.82 -18.11
N LEU A 192 19.67 3.34 -16.91
CA LEU A 192 19.10 2.00 -16.73
C LEU A 192 17.62 2.00 -17.04
N GLY A 193 17.06 3.20 -17.28
CA GLY A 193 15.65 3.31 -17.57
C GLY A 193 14.84 3.37 -16.29
N LYS A 194 15.52 3.71 -15.20
CA LYS A 194 14.89 3.82 -13.88
C LYS A 194 14.72 5.28 -13.52
N HIS A 195 13.96 5.54 -12.47
CA HIS A 195 13.72 6.89 -12.00
C HIS A 195 14.31 6.94 -10.58
N PRO A 196 15.43 7.65 -10.41
CA PRO A 196 16.12 7.81 -9.13
C PRO A 196 15.53 8.87 -8.22
N VAL A 197 15.51 8.59 -6.93
CA VAL A 197 15.03 9.53 -5.92
C VAL A 197 16.09 9.61 -4.82
N SER A 198 16.30 10.80 -4.28
CA SER A 198 17.30 11.00 -3.24
C SER A 198 16.79 10.76 -1.83
N CYS A 199 17.70 10.38 -0.92
CA CYS A 199 17.34 10.14 0.46
C CYS A 199 18.55 10.12 1.40
N LYS A 200 18.35 10.58 2.64
CA LYS A 200 19.42 10.57 3.63
C LYS A 200 19.74 9.12 3.94
N ASP A 201 20.93 8.89 4.50
CA ASP A 201 21.35 7.55 4.85
C ASP A 201 20.74 7.12 6.19
N THR A 202 19.44 6.86 6.17
CA THR A 202 18.73 6.45 7.35
C THR A 202 18.16 5.06 7.14
N PRO A 203 18.02 4.28 8.21
CA PRO A 203 17.49 2.92 8.08
C PRO A 203 16.21 2.85 7.27
N GLY A 204 16.16 1.93 6.32
CA GLY A 204 14.99 1.77 5.47
C GLY A 204 14.88 2.79 4.36
N PHE A 205 15.70 3.85 4.42
CA PHE A 205 15.66 4.90 3.40
C PHE A 205 14.22 5.36 3.25
N ILE A 206 13.68 5.33 2.04
CA ILE A 206 12.29 5.74 1.87
C ILE A 206 11.29 4.58 1.81
N VAL A 207 11.37 3.76 0.76
CA VAL A 207 10.42 2.67 0.61
C VAL A 207 10.36 1.64 1.75
N ASN A 208 11.47 1.00 2.08
CA ASN A 208 11.44 0.01 3.17
C ASN A 208 10.99 0.61 4.49
N ARG A 209 11.34 1.87 4.71
CA ARG A 209 10.99 2.56 5.95
C ARG A 209 9.48 2.75 6.15
N LEU A 210 8.72 2.77 5.06
CA LEU A 210 7.28 2.96 5.12
C LEU A 210 6.54 1.66 4.83
N LEU A 211 7.15 0.80 4.02
CA LEU A 211 6.53 -0.47 3.65
C LEU A 211 6.65 -1.59 4.69
N VAL A 212 7.86 -1.82 5.20
CA VAL A 212 8.08 -2.88 6.17
C VAL A 212 7.23 -2.76 7.43
N PRO A 213 7.25 -1.58 8.08
CA PRO A 213 6.44 -1.44 9.30
C PRO A 213 4.97 -1.74 9.02
N TYR A 214 4.45 -1.24 7.89
CA TYR A 214 3.08 -1.49 7.48
C TYR A 214 2.88 -3.00 7.39
N LEU A 215 3.79 -3.68 6.72
CA LEU A 215 3.70 -5.13 6.59
C LEU A 215 3.66 -5.80 7.96
N MET A 216 4.44 -5.28 8.92
CA MET A 216 4.43 -5.88 10.25
C MET A 216 3.06 -5.68 10.91
N GLU A 217 2.52 -4.45 10.81
CA GLU A 217 1.22 -4.14 11.37
C GLU A 217 0.16 -5.12 10.91
N ALA A 218 0.23 -5.49 9.64
CA ALA A 218 -0.73 -6.44 9.10
C ALA A 218 -0.59 -7.82 9.75
N ILE A 219 0.64 -8.25 10.00
CA ILE A 219 0.85 -9.54 10.62
C ILE A 219 0.24 -9.54 12.01
N ARG A 220 0.44 -8.44 12.73
CA ARG A 220 -0.07 -8.29 14.09
C ARG A 220 -1.59 -8.26 14.14
N LEU A 221 -2.22 -7.51 13.23
CA LEU A 221 -3.66 -7.43 13.20
C LEU A 221 -4.16 -8.87 13.05
N TYR A 222 -3.41 -9.66 12.29
CA TYR A 222 -3.76 -11.06 12.06
C TYR A 222 -3.54 -11.88 13.32
N GLU A 223 -2.34 -11.76 13.90
CA GLU A 223 -1.98 -12.51 15.11
C GLU A 223 -2.94 -12.17 16.24
N ARG A 224 -3.33 -10.92 16.28
CA ARG A 224 -4.24 -10.42 17.30
C ARG A 224 -5.60 -11.08 17.17
N GLY A 225 -5.85 -11.73 16.04
CA GLY A 225 -7.12 -12.40 15.81
C GLY A 225 -8.22 -11.49 15.27
N ASP A 226 -7.88 -10.25 14.93
CA ASP A 226 -8.85 -9.30 14.41
C ASP A 226 -9.43 -9.64 13.05
N ALA A 227 -8.56 -10.04 12.11
CA ALA A 227 -9.01 -10.39 10.76
C ALA A 227 -8.12 -11.49 10.18
N SER A 228 -8.63 -12.22 9.20
CA SER A 228 -7.86 -13.29 8.57
C SER A 228 -6.87 -12.75 7.54
N LYS A 229 -5.89 -13.56 7.19
CA LYS A 229 -4.90 -13.19 6.18
C LYS A 229 -5.61 -12.90 4.87
N GLU A 230 -6.46 -13.84 4.47
CA GLU A 230 -7.22 -13.71 3.24
C GLU A 230 -7.95 -12.38 3.14
N ASP A 231 -8.72 -12.03 4.17
CA ASP A 231 -9.46 -10.77 4.11
C ASP A 231 -8.58 -9.53 4.19
N ILE A 232 -7.48 -9.62 4.94
CA ILE A 232 -6.62 -8.47 5.02
C ILE A 232 -6.02 -8.22 3.65
N ASP A 233 -5.70 -9.28 2.91
CA ASP A 233 -5.13 -9.08 1.59
C ASP A 233 -6.19 -8.49 0.65
N THR A 234 -7.40 -9.04 0.70
CA THR A 234 -8.48 -8.55 -0.15
C THR A 234 -8.69 -7.07 0.13
N ALA A 235 -8.77 -6.72 1.41
CA ALA A 235 -9.00 -5.36 1.83
C ALA A 235 -8.01 -4.35 1.28
N MET A 236 -6.72 -4.67 1.36
CA MET A 236 -5.72 -3.72 0.88
C MET A 236 -5.65 -3.68 -0.64
N LYS A 237 -6.01 -4.77 -1.32
CA LYS A 237 -5.99 -4.73 -2.77
C LYS A 237 -7.16 -3.91 -3.31
N LEU A 238 -8.35 -4.16 -2.77
CA LEU A 238 -9.57 -3.46 -3.20
C LEU A 238 -9.72 -2.08 -2.56
N GLY A 239 -9.48 -1.99 -1.26
CA GLY A 239 -9.62 -0.72 -0.57
C GLY A 239 -8.47 0.23 -0.68
N ALA A 240 -7.28 -0.27 -0.99
CA ALA A 240 -6.14 0.62 -1.08
C ALA A 240 -5.54 0.58 -2.48
N GLY A 241 -6.02 -0.36 -3.29
CA GLY A 241 -5.55 -0.50 -4.65
C GLY A 241 -4.15 -1.08 -4.81
N TYR A 242 -3.63 -1.73 -3.78
CA TYR A 242 -2.29 -2.30 -3.88
C TYR A 242 -2.26 -3.52 -4.78
N PRO A 243 -1.13 -3.74 -5.48
CA PRO A 243 -0.95 -4.87 -6.38
C PRO A 243 -0.95 -6.19 -5.65
N MET A 244 -0.55 -6.16 -4.37
CA MET A 244 -0.50 -7.38 -3.58
C MET A 244 -0.94 -7.13 -2.15
N GLY A 245 -1.71 -8.05 -1.58
CA GLY A 245 -2.10 -7.90 -0.19
C GLY A 245 -0.82 -8.07 0.62
N PRO A 246 -0.77 -7.52 1.85
CA PRO A 246 0.42 -7.62 2.73
C PRO A 246 1.04 -9.01 2.95
N PHE A 247 0.22 -10.06 2.90
CA PHE A 247 0.75 -11.39 3.12
C PHE A 247 1.37 -11.99 1.86
N GLU A 248 0.80 -11.67 0.71
CA GLU A 248 1.33 -12.15 -0.56
C GLU A 248 2.69 -11.46 -0.76
N LEU A 249 2.75 -10.17 -0.43
CA LEU A 249 3.97 -9.40 -0.59
C LEU A 249 5.04 -9.94 0.33
N LEU A 250 4.69 -10.18 1.60
CA LEU A 250 5.63 -10.74 2.55
C LEU A 250 6.25 -12.01 1.96
N ASP A 251 5.39 -12.90 1.48
CA ASP A 251 5.82 -14.15 0.87
C ASP A 251 6.61 -13.94 -0.41
N TYR A 252 6.51 -12.75 -0.98
CA TYR A 252 7.18 -12.42 -2.22
C TYR A 252 8.57 -11.85 -1.99
N VAL A 253 8.72 -11.02 -0.95
CA VAL A 253 10.01 -10.43 -0.64
C VAL A 253 10.84 -11.35 0.25
N GLY A 254 10.18 -12.33 0.87
CA GLY A 254 10.89 -13.26 1.73
C GLY A 254 10.69 -12.99 3.20
N LEU A 255 10.14 -13.97 3.93
CA LEU A 255 9.90 -13.80 5.36
C LEU A 255 11.19 -13.63 6.13
N ASP A 256 12.19 -14.43 5.76
CA ASP A 256 13.51 -14.36 6.39
C ASP A 256 14.11 -13.00 6.08
N THR A 257 13.99 -12.60 4.83
CA THR A 257 14.51 -11.32 4.39
C THR A 257 13.88 -10.18 5.22
N THR A 258 12.59 -10.30 5.51
CA THR A 258 11.89 -9.28 6.28
C THR A 258 12.31 -9.29 7.74
N LYS A 259 12.25 -10.49 8.33
CA LYS A 259 12.62 -10.67 9.73
C LYS A 259 13.96 -10.02 10.02
N PHE A 260 14.95 -10.33 9.18
CA PHE A 260 16.31 -9.80 9.36
C PHE A 260 16.35 -8.27 9.44
N ILE A 261 15.70 -7.61 8.49
CA ILE A 261 15.64 -6.17 8.47
C ILE A 261 14.96 -5.62 9.72
N VAL A 262 13.90 -6.29 10.16
CA VAL A 262 13.21 -5.83 11.36
C VAL A 262 14.07 -6.09 12.59
N ASP A 263 14.63 -7.29 12.72
CA ASP A 263 15.48 -7.58 13.87
C ASP A 263 16.53 -6.47 13.99
N GLY A 264 17.08 -6.06 12.85
CA GLY A 264 18.08 -5.01 12.87
C GLY A 264 17.54 -3.73 13.44
N TRP A 265 16.34 -3.33 13.01
CA TRP A 265 15.76 -2.10 13.53
C TRP A 265 15.41 -2.23 15.00
N HIS A 266 14.90 -3.40 15.38
CA HIS A 266 14.55 -3.63 16.76
C HIS A 266 15.80 -3.51 17.60
N GLU A 267 16.87 -4.13 17.09
CA GLU A 267 18.19 -4.14 17.74
C GLU A 267 18.74 -2.74 18.00
N MET A 268 18.30 -1.76 17.21
CA MET A 268 18.78 -0.39 17.37
C MET A 268 17.88 0.42 18.29
N ASP A 269 16.65 -0.05 18.49
CA ASP A 269 15.68 0.63 19.35
C ASP A 269 14.69 -0.40 19.88
N ALA A 270 15.09 -1.13 20.91
CA ALA A 270 14.25 -2.16 21.48
C ALA A 270 12.95 -1.63 22.06
N GLU A 271 12.95 -0.35 22.44
CA GLU A 271 11.77 0.28 23.02
C GLU A 271 10.69 0.60 21.98
N ASN A 272 11.10 0.78 20.73
CA ASN A 272 10.18 1.12 19.65
C ASN A 272 9.24 -0.04 19.32
N PRO A 273 7.92 0.18 19.44
CA PRO A 273 6.87 -0.81 19.18
C PRO A 273 6.83 -1.26 17.72
N LEU A 274 7.03 -0.32 16.80
CA LEU A 274 7.01 -0.60 15.37
C LEU A 274 7.87 -1.79 14.96
N HIS A 275 8.92 -2.07 15.73
CA HIS A 275 9.84 -3.17 15.41
C HIS A 275 9.73 -4.39 16.29
N GLN A 276 8.76 -4.42 17.18
CA GLN A 276 8.60 -5.59 18.03
C GLN A 276 8.53 -6.82 17.15
N PRO A 277 9.28 -7.87 17.50
CA PRO A 277 9.26 -9.09 16.69
C PRO A 277 7.86 -9.70 16.67
N SER A 278 7.63 -10.58 15.70
CA SER A 278 6.36 -11.25 15.56
C SER A 278 6.51 -12.76 15.70
N PRO A 279 5.80 -13.35 16.67
CA PRO A 279 5.87 -14.81 16.88
C PRO A 279 5.60 -15.60 15.61
N SER A 280 4.57 -15.22 14.87
CA SER A 280 4.21 -15.91 13.63
C SER A 280 5.33 -15.87 12.60
N LEU A 281 5.89 -14.68 12.39
CA LEU A 281 6.97 -14.52 11.42
C LEU A 281 8.17 -15.36 11.85
N ASN A 282 8.57 -15.22 13.11
CA ASN A 282 9.70 -15.98 13.62
C ASN A 282 9.48 -17.48 13.50
N LYS A 283 8.32 -17.94 13.92
CA LYS A 283 8.02 -19.36 13.85
C LYS A 283 8.16 -19.90 12.43
N LEU A 284 7.67 -19.16 11.44
CA LEU A 284 7.77 -19.59 10.05
C LEU A 284 9.21 -19.66 9.58
N VAL A 285 9.99 -18.63 9.90
CA VAL A 285 11.38 -18.60 9.51
C VAL A 285 12.14 -19.75 10.16
N ALA A 286 11.74 -20.12 11.37
CA ALA A 286 12.38 -21.23 12.07
C ALA A 286 11.99 -22.55 11.41
N GLU A 287 10.94 -22.53 10.59
CA GLU A 287 10.49 -23.73 9.91
C GLU A 287 11.02 -23.74 8.48
N ASN A 288 11.83 -22.73 8.16
CA ASN A 288 12.42 -22.57 6.83
C ASN A 288 11.38 -22.36 5.74
N LYS A 289 10.26 -21.76 6.13
CA LYS A 289 9.20 -21.44 5.18
C LYS A 289 9.45 -19.94 4.98
N PHE A 290 10.17 -19.61 3.93
CA PHE A 290 10.52 -18.22 3.70
C PHE A 290 9.64 -17.44 2.74
N GLY A 291 8.68 -18.12 2.14
CA GLY A 291 7.82 -17.43 1.19
C GLY A 291 7.81 -18.22 -0.09
N LYS A 292 7.69 -17.54 -1.22
CA LYS A 292 7.70 -18.22 -2.50
C LYS A 292 9.00 -18.97 -2.75
N LYS A 293 10.13 -18.39 -2.34
CA LYS A 293 11.46 -19.00 -2.50
C LYS A 293 11.37 -20.49 -2.23
N THR A 294 10.77 -20.83 -1.09
CA THR A 294 10.66 -22.19 -0.65
C THR A 294 9.32 -22.88 -0.89
N GLY A 295 8.45 -22.26 -1.67
CA GLY A 295 7.15 -22.86 -1.94
C GLY A 295 6.14 -22.73 -0.80
N GLU A 296 6.53 -21.99 0.24
CA GLU A 296 5.64 -21.77 1.38
C GLU A 296 6.12 -20.72 2.35
N GLY A 297 5.20 -19.83 2.69
CA GLY A 297 5.45 -18.76 3.63
C GLY A 297 4.14 -18.72 4.39
N PHE A 298 3.49 -17.55 4.45
CA PHE A 298 2.20 -17.45 5.12
C PHE A 298 1.20 -18.31 4.37
N TYR A 299 1.46 -18.49 3.07
CA TYR A 299 0.61 -19.32 2.23
C TYR A 299 1.46 -20.44 1.64
N LYS A 300 0.80 -21.49 1.18
CA LYS A 300 1.51 -22.59 0.57
C LYS A 300 1.34 -22.37 -0.92
N TYR A 301 2.45 -22.37 -1.66
CA TYR A 301 2.39 -22.16 -3.11
C TYR A 301 2.66 -23.45 -3.85
N LYS A 302 1.93 -23.69 -4.94
CA LYS A 302 2.15 -24.89 -5.72
C LYS A 302 3.53 -24.78 -6.34
N LEU A 303 4.43 -25.68 -5.93
CA LEU A 303 5.80 -25.70 -6.43
C LEU A 303 5.83 -25.45 -7.94
N GLU A 304 6.67 -24.51 -8.35
CA GLU A 304 6.81 -24.15 -9.76
C GLU A 304 7.42 -25.27 -10.59
N LYS B 12 -34.24 -16.85 6.59
CA LYS B 12 -33.26 -15.77 6.91
C LYS B 12 -33.84 -14.36 6.86
N ILE B 13 -33.00 -13.39 7.23
CA ILE B 13 -33.36 -11.97 7.21
C ILE B 13 -32.88 -11.38 5.89
N ILE B 14 -33.59 -11.65 4.80
CA ILE B 14 -33.16 -11.08 3.51
C ILE B 14 -33.47 -9.60 3.40
N VAL B 15 -32.42 -8.78 3.41
CA VAL B 15 -32.57 -7.33 3.31
C VAL B 15 -33.17 -6.94 1.96
N LYS B 16 -34.31 -6.27 1.99
CA LYS B 16 -34.96 -5.83 0.76
C LYS B 16 -35.30 -4.35 0.82
N HIS B 17 -35.70 -3.90 2.00
CA HIS B 17 -36.05 -2.50 2.19
C HIS B 17 -34.95 -1.93 3.07
N VAL B 18 -34.32 -0.87 2.60
CA VAL B 18 -33.20 -0.27 3.33
C VAL B 18 -33.35 1.21 3.62
N THR B 19 -33.04 1.59 4.85
CA THR B 19 -33.12 2.98 5.26
C THR B 19 -31.72 3.57 5.43
N VAL B 20 -31.38 4.56 4.61
CA VAL B 20 -30.08 5.19 4.72
C VAL B 20 -30.21 6.59 5.27
N ILE B 21 -29.66 6.81 6.47
CA ILE B 21 -29.71 8.11 7.11
C ILE B 21 -28.41 8.87 6.87
N GLY B 22 -28.51 9.98 6.14
CA GLY B 22 -27.34 10.78 5.83
C GLY B 22 -27.25 11.01 4.33
N GLY B 23 -27.38 12.27 3.91
CA GLY B 23 -27.33 12.58 2.49
C GLY B 23 -25.96 12.94 1.96
N GLY B 24 -24.92 12.70 2.77
CA GLY B 24 -23.56 13.00 2.35
C GLY B 24 -23.16 12.11 1.19
N LEU B 25 -21.97 12.34 0.64
CA LEU B 25 -21.52 11.53 -0.49
C LEU B 25 -21.58 10.05 -0.16
N MET B 26 -21.25 9.70 1.07
CA MET B 26 -21.28 8.30 1.47
C MET B 26 -22.73 7.83 1.50
N GLY B 27 -23.54 8.46 2.33
CA GLY B 27 -24.94 8.08 2.44
C GLY B 27 -25.62 7.98 1.08
N ALA B 28 -25.36 8.98 0.23
CA ALA B 28 -25.96 8.99 -1.10
C ALA B 28 -25.45 7.84 -1.95
N GLY B 29 -24.16 7.52 -1.81
CA GLY B 29 -23.58 6.45 -2.59
C GLY B 29 -24.16 5.11 -2.19
N ILE B 30 -24.28 4.89 -0.89
CA ILE B 30 -24.86 3.65 -0.40
C ILE B 30 -26.30 3.53 -0.95
N ALA B 31 -27.07 4.61 -0.85
CA ALA B 31 -28.45 4.59 -1.33
C ALA B 31 -28.48 4.22 -2.80
N GLN B 32 -27.61 4.87 -3.57
CA GLN B 32 -27.51 4.64 -5.01
C GLN B 32 -27.22 3.18 -5.36
N VAL B 33 -26.23 2.56 -4.72
CA VAL B 33 -25.92 1.16 -5.05
C VAL B 33 -27.08 0.25 -4.66
N ALA B 34 -27.63 0.44 -3.47
CA ALA B 34 -28.75 -0.37 -3.02
C ALA B 34 -29.90 -0.23 -4.02
N ALA B 35 -30.18 1.00 -4.43
CA ALA B 35 -31.24 1.25 -5.39
C ALA B 35 -30.94 0.53 -6.68
N ALA B 36 -29.68 0.64 -7.12
CA ALA B 36 -29.21 0.03 -8.35
C ALA B 36 -29.30 -1.48 -8.40
N THR B 37 -29.26 -2.15 -7.25
CA THR B 37 -29.32 -3.60 -7.21
C THR B 37 -30.65 -4.22 -6.81
N GLY B 38 -31.73 -3.48 -6.98
CA GLY B 38 -33.05 -4.00 -6.66
C GLY B 38 -33.60 -3.79 -5.26
N HIS B 39 -32.93 -2.98 -4.45
CA HIS B 39 -33.42 -2.73 -3.11
C HIS B 39 -34.32 -1.50 -3.10
N THR B 40 -35.32 -1.49 -2.23
CA THR B 40 -36.20 -0.34 -2.11
C THR B 40 -35.48 0.52 -1.09
N VAL B 41 -35.22 1.78 -1.43
CA VAL B 41 -34.47 2.65 -0.55
C VAL B 41 -35.17 3.92 -0.07
N VAL B 42 -34.88 4.29 1.17
CA VAL B 42 -35.41 5.51 1.73
C VAL B 42 -34.24 6.27 2.32
N LEU B 43 -33.96 7.44 1.75
CA LEU B 43 -32.86 8.29 2.20
C LEU B 43 -33.39 9.39 3.10
N VAL B 44 -32.91 9.41 4.35
CA VAL B 44 -33.34 10.38 5.33
C VAL B 44 -32.30 11.45 5.63
N ASP B 45 -32.76 12.67 5.87
CA ASP B 45 -31.87 13.77 6.24
C ASP B 45 -32.68 14.87 6.90
N GLN B 46 -32.02 15.94 7.34
CA GLN B 46 -32.67 17.05 8.02
C GLN B 46 -33.55 18.02 7.24
N THR B 47 -33.33 18.18 5.94
CA THR B 47 -34.16 19.11 5.17
C THR B 47 -34.51 18.56 3.82
N GLU B 48 -35.51 19.16 3.18
CA GLU B 48 -35.91 18.71 1.87
C GLU B 48 -34.85 19.18 0.88
N ASP B 49 -34.31 20.37 1.10
CA ASP B 49 -33.27 20.90 0.22
C ASP B 49 -32.09 19.95 0.14
N ILE B 50 -31.63 19.48 1.29
CA ILE B 50 -30.51 18.56 1.31
C ILE B 50 -30.91 17.33 0.49
N LEU B 51 -32.03 16.71 0.83
CA LEU B 51 -32.49 15.54 0.11
C LEU B 51 -32.59 15.78 -1.39
N ALA B 52 -33.14 16.93 -1.76
CA ALA B 52 -33.27 17.27 -3.16
C ALA B 52 -31.89 17.23 -3.83
N LYS B 53 -30.91 17.88 -3.20
CA LYS B 53 -29.56 17.92 -3.76
C LYS B 53 -28.94 16.53 -3.83
N SER B 54 -28.99 15.79 -2.73
CA SER B 54 -28.41 14.46 -2.71
C SER B 54 -28.99 13.57 -3.78
N LYS B 55 -30.32 13.53 -3.89
CA LYS B 55 -30.93 12.69 -4.88
C LYS B 55 -30.53 13.17 -6.26
N LYS B 56 -30.43 14.48 -6.44
CA LYS B 56 -30.01 15.00 -7.73
C LYS B 56 -28.59 14.49 -7.97
N GLY B 57 -27.76 14.52 -6.93
CA GLY B 57 -26.40 14.03 -7.06
C GLY B 57 -26.40 12.61 -7.59
N ILE B 58 -27.26 11.78 -7.02
CA ILE B 58 -27.38 10.38 -7.42
C ILE B 58 -27.81 10.29 -8.88
N GLU B 59 -28.72 11.18 -9.27
CA GLU B 59 -29.25 11.22 -10.62
C GLU B 59 -28.15 11.50 -11.62
N GLU B 60 -27.33 12.49 -11.30
CA GLU B 60 -26.21 12.87 -12.16
C GLU B 60 -25.25 11.68 -12.26
N SER B 61 -24.82 11.15 -11.12
CA SER B 61 -23.90 10.02 -11.12
C SER B 61 -24.44 8.85 -11.94
N LEU B 62 -25.72 8.55 -11.79
CA LEU B 62 -26.35 7.46 -12.52
C LEU B 62 -26.40 7.69 -14.03
N ARG B 63 -26.55 8.94 -14.44
CA ARG B 63 -26.61 9.23 -15.87
C ARG B 63 -25.23 9.18 -16.52
N LYS B 64 -24.23 9.69 -15.82
CA LYS B 64 -22.88 9.68 -16.35
C LYS B 64 -22.50 8.27 -16.76
N VAL B 65 -22.93 7.29 -15.97
CA VAL B 65 -22.62 5.90 -16.26
C VAL B 65 -23.47 5.32 -17.38
N ALA B 66 -24.75 5.69 -17.39
CA ALA B 66 -25.66 5.19 -18.41
C ALA B 66 -25.32 5.68 -19.82
N LYS B 67 -24.76 6.88 -19.93
CA LYS B 67 -24.39 7.43 -21.23
C LYS B 67 -23.21 6.68 -21.83
N LYS B 68 -22.53 5.90 -20.97
CA LYS B 68 -21.38 5.11 -21.40
C LYS B 68 -21.75 3.65 -21.65
N LYS B 69 -22.54 3.07 -20.76
CA LYS B 69 -22.95 1.68 -20.92
C LYS B 69 -24.08 1.50 -21.93
N PHE B 70 -25.00 2.48 -21.98
CA PHE B 70 -26.14 2.43 -22.89
C PHE B 70 -25.98 3.38 -24.07
N ALA B 71 -24.79 3.43 -24.64
CA ALA B 71 -24.54 4.31 -25.78
C ALA B 71 -25.22 3.76 -27.04
N GLU B 72 -25.34 2.44 -27.13
CA GLU B 72 -25.96 1.83 -28.30
C GLU B 72 -27.49 1.79 -28.24
N ASN B 73 -28.05 2.13 -27.08
CA ASN B 73 -29.49 2.14 -26.91
C ASN B 73 -29.88 3.04 -25.74
N PRO B 74 -29.81 4.37 -25.94
CA PRO B 74 -30.11 5.42 -24.96
C PRO B 74 -31.50 5.33 -24.32
N LYS B 75 -32.45 4.73 -25.03
CA LYS B 75 -33.81 4.59 -24.49
C LYS B 75 -33.72 3.75 -23.22
N ALA B 76 -33.15 2.55 -23.35
CA ALA B 76 -32.99 1.64 -22.22
C ALA B 76 -32.19 2.31 -21.10
N GLY B 77 -31.22 3.13 -21.49
CA GLY B 77 -30.40 3.83 -20.52
C GLY B 77 -31.24 4.73 -19.63
N ASP B 78 -32.04 5.59 -20.26
CA ASP B 78 -32.91 6.49 -19.50
C ASP B 78 -33.88 5.67 -18.66
N GLU B 79 -34.32 4.54 -19.20
CA GLU B 79 -35.24 3.67 -18.47
C GLU B 79 -34.55 3.21 -17.20
N CYS B 80 -33.41 2.56 -17.36
CA CYS B 80 -32.63 2.04 -16.23
C CYS B 80 -32.38 3.11 -15.19
N VAL B 81 -32.06 4.32 -15.64
CA VAL B 81 -31.81 5.42 -14.72
C VAL B 81 -33.09 5.82 -13.99
N GLU B 82 -34.20 5.88 -14.74
CA GLU B 82 -35.48 6.24 -14.14
C GLU B 82 -35.90 5.19 -13.11
N LYS B 83 -35.72 3.91 -13.45
CA LYS B 83 -36.10 2.84 -12.54
C LYS B 83 -35.33 2.86 -11.23
N THR B 84 -34.08 3.30 -11.29
CA THR B 84 -33.27 3.33 -10.07
C THR B 84 -33.63 4.52 -9.21
N LEU B 85 -33.84 5.68 -9.82
CA LEU B 85 -34.20 6.87 -9.06
C LEU B 85 -35.52 6.70 -8.32
N SER B 86 -36.51 6.12 -8.99
CA SER B 86 -37.83 5.93 -8.39
C SER B 86 -37.85 4.92 -7.26
N THR B 87 -36.79 4.14 -7.13
CA THR B 87 -36.72 3.14 -6.06
C THR B 87 -36.04 3.77 -4.86
N ILE B 88 -35.77 5.06 -4.97
CA ILE B 88 -35.15 5.81 -3.88
C ILE B 88 -36.19 6.83 -3.42
N ALA B 89 -36.60 6.73 -2.16
CA ALA B 89 -37.57 7.67 -1.61
C ALA B 89 -36.83 8.54 -0.63
N THR B 90 -37.41 9.67 -0.27
CA THR B 90 -36.78 10.59 0.67
C THR B 90 -37.74 10.97 1.80
N SER B 91 -37.19 11.37 2.93
CA SER B 91 -37.99 11.75 4.08
C SER B 91 -37.14 12.51 5.07
N THR B 92 -37.75 13.41 5.84
CA THR B 92 -37.02 14.18 6.84
C THR B 92 -37.32 13.67 8.24
N ASP B 93 -37.93 12.48 8.31
CA ASP B 93 -38.30 11.88 9.60
C ASP B 93 -38.04 10.37 9.62
N ALA B 94 -36.91 9.99 10.20
CA ALA B 94 -36.49 8.59 10.28
C ALA B 94 -37.44 7.69 11.04
N ALA B 95 -37.99 8.20 12.13
CA ALA B 95 -38.90 7.43 12.96
C ALA B 95 -40.04 6.76 12.19
N SER B 96 -40.71 7.53 11.34
CA SER B 96 -41.83 7.01 10.57
C SER B 96 -41.41 5.95 9.55
N VAL B 97 -40.26 6.19 8.93
CA VAL B 97 -39.71 5.31 7.92
C VAL B 97 -39.28 3.94 8.44
N VAL B 98 -38.52 3.92 9.53
CA VAL B 98 -37.97 2.68 10.09
C VAL B 98 -38.94 1.72 10.77
N HIS B 99 -40.23 2.05 10.77
CA HIS B 99 -41.21 1.20 11.41
C HIS B 99 -41.28 -0.18 10.77
N SER B 100 -40.87 -0.28 9.51
CA SER B 100 -40.92 -1.56 8.82
C SER B 100 -39.72 -1.85 7.89
N THR B 101 -38.67 -1.04 8.00
CA THR B 101 -37.51 -1.25 7.13
C THR B 101 -36.71 -2.49 7.58
N ASP B 102 -35.97 -3.10 6.65
CA ASP B 102 -35.17 -4.27 6.99
C ASP B 102 -33.80 -3.90 7.54
N LEU B 103 -33.23 -2.81 7.03
CA LEU B 103 -31.91 -2.40 7.48
C LEU B 103 -31.78 -0.89 7.56
N VAL B 104 -31.05 -0.44 8.57
CA VAL B 104 -30.81 0.98 8.75
C VAL B 104 -29.31 1.18 8.66
N VAL B 105 -28.86 1.92 7.66
CA VAL B 105 -27.44 2.20 7.51
C VAL B 105 -27.25 3.68 7.79
N GLU B 106 -26.47 3.99 8.82
CA GLU B 106 -26.20 5.38 9.20
C GLU B 106 -24.88 5.91 8.70
N ALA B 107 -24.91 7.13 8.19
CA ALA B 107 -23.71 7.77 7.66
C ALA B 107 -23.79 9.27 7.86
N ILE B 108 -23.99 9.68 9.11
CA ILE B 108 -24.09 11.10 9.46
C ILE B 108 -22.81 11.64 10.10
N VAL B 109 -22.88 12.88 10.60
CA VAL B 109 -21.74 13.53 11.23
C VAL B 109 -21.04 12.60 12.19
N GLU B 110 -19.71 12.68 12.20
CA GLU B 110 -18.89 11.83 13.05
C GLU B 110 -18.82 12.34 14.48
N ASN B 111 -19.92 12.19 15.22
CA ASN B 111 -20.01 12.61 16.62
C ASN B 111 -20.82 11.57 17.38
N LEU B 112 -20.23 11.00 18.43
CA LEU B 112 -20.89 9.96 19.20
C LEU B 112 -22.26 10.35 19.76
N LYS B 113 -22.31 11.45 20.51
CA LYS B 113 -23.56 11.90 21.11
C LYS B 113 -24.70 11.90 20.10
N VAL B 114 -24.50 12.66 19.01
CA VAL B 114 -25.50 12.75 17.97
C VAL B 114 -25.92 11.38 17.47
N LYS B 115 -24.94 10.51 17.18
CA LYS B 115 -25.23 9.16 16.68
C LYS B 115 -26.03 8.30 17.67
N ASN B 116 -25.72 8.40 18.95
CA ASN B 116 -26.43 7.61 19.94
C ASN B 116 -27.87 8.05 20.15
N GLU B 117 -28.14 9.35 20.00
CA GLU B 117 -29.50 9.84 20.15
C GLU B 117 -30.35 9.23 19.05
N LEU B 118 -29.92 9.43 17.82
CA LEU B 118 -30.60 8.91 16.64
C LEU B 118 -31.01 7.45 16.82
N PHE B 119 -30.02 6.58 17.02
CA PHE B 119 -30.28 5.16 17.19
C PHE B 119 -31.11 4.80 18.43
N LYS B 120 -30.87 5.50 19.53
CA LYS B 120 -31.63 5.21 20.75
C LYS B 120 -33.09 5.46 20.44
N ARG B 121 -33.35 6.48 19.64
CA ARG B 121 -34.70 6.85 19.24
C ARG B 121 -35.22 5.81 18.25
N LEU B 122 -34.45 5.56 17.19
CA LEU B 122 -34.84 4.61 16.16
C LEU B 122 -35.06 3.21 16.71
N ASP B 123 -34.37 2.90 17.80
CA ASP B 123 -34.51 1.58 18.40
C ASP B 123 -35.89 1.35 18.98
N LYS B 124 -36.68 2.41 19.12
CA LYS B 124 -38.02 2.27 19.67
C LYS B 124 -39.09 2.23 18.57
N PHE B 125 -38.78 2.82 17.41
CA PHE B 125 -39.73 2.82 16.31
C PHE B 125 -39.45 1.69 15.32
N ALA B 126 -38.17 1.39 15.11
CA ALA B 126 -37.76 0.35 14.18
C ALA B 126 -38.45 -0.97 14.44
N ALA B 127 -38.73 -1.72 13.38
CA ALA B 127 -39.38 -3.01 13.52
C ALA B 127 -38.54 -3.88 14.44
N GLU B 128 -38.95 -5.12 14.62
CA GLU B 128 -38.23 -6.04 15.50
C GLU B 128 -36.99 -6.62 14.84
N HIS B 129 -37.15 -7.16 13.63
CA HIS B 129 -36.05 -7.77 12.90
C HIS B 129 -35.02 -6.79 12.34
N THR B 130 -35.38 -5.50 12.29
CA THR B 130 -34.51 -4.46 11.76
C THR B 130 -33.06 -4.49 12.26
N ILE B 131 -32.12 -4.54 11.32
CA ILE B 131 -30.70 -4.55 11.64
C ILE B 131 -30.20 -3.12 11.55
N PHE B 132 -29.37 -2.73 12.52
CA PHE B 132 -28.80 -1.38 12.52
C PHE B 132 -27.31 -1.49 12.18
N ALA B 133 -26.79 -0.53 11.45
CA ALA B 133 -25.38 -0.55 11.10
C ALA B 133 -24.85 0.84 10.82
N SER B 134 -23.65 1.11 11.32
CA SER B 134 -23.03 2.41 11.10
C SER B 134 -21.92 2.27 10.05
N ASN B 135 -21.60 3.38 9.42
CA ASN B 135 -20.57 3.44 8.38
C ASN B 135 -19.43 4.28 8.93
N THR B 136 -19.44 4.49 10.24
CA THR B 136 -18.43 5.31 10.90
C THR B 136 -16.98 4.84 10.74
N SER B 137 -16.08 5.82 10.62
CA SER B 137 -14.66 5.56 10.47
C SER B 137 -13.87 5.90 11.73
N SER B 138 -14.36 6.86 12.51
CA SER B 138 -13.64 7.26 13.72
C SER B 138 -14.27 6.96 15.06
N LEU B 139 -15.08 5.91 15.13
CA LEU B 139 -15.72 5.52 16.39
C LEU B 139 -15.87 4.02 16.44
N GLN B 140 -16.05 3.47 17.64
CA GLN B 140 -16.21 2.04 17.79
C GLN B 140 -17.68 1.63 17.76
N ILE B 141 -18.00 0.69 16.87
CA ILE B 141 -19.36 0.20 16.72
C ILE B 141 -20.00 -0.06 18.08
N THR B 142 -19.29 -0.81 18.93
CA THR B 142 -19.81 -1.14 20.26
C THR B 142 -20.28 0.08 21.04
N SER B 143 -19.60 1.21 20.88
CA SER B 143 -20.00 2.43 21.60
C SER B 143 -21.35 2.97 21.12
N ILE B 144 -21.74 2.58 19.92
CA ILE B 144 -23.01 3.04 19.37
C ILE B 144 -24.08 2.02 19.66
N ALA B 145 -23.76 0.75 19.46
CA ALA B 145 -24.72 -0.32 19.69
C ALA B 145 -25.29 -0.35 21.11
N ASN B 146 -24.52 0.15 22.07
CA ASN B 146 -25.00 0.16 23.45
C ASN B 146 -25.97 1.28 23.74
N ALA B 147 -26.20 2.14 22.76
CA ALA B 147 -27.16 3.22 22.94
C ALA B 147 -28.53 2.63 22.63
N THR B 148 -28.55 1.31 22.39
CA THR B 148 -29.78 0.59 22.07
C THR B 148 -29.83 -0.69 22.89
N THR B 149 -30.78 -1.57 22.54
CA THR B 149 -30.95 -2.86 23.21
C THR B 149 -31.14 -3.85 22.08
N ARG B 150 -30.68 -3.42 20.90
CA ARG B 150 -30.77 -4.16 19.66
C ARG B 150 -29.34 -4.59 19.25
N GLN B 151 -28.43 -4.55 20.22
CA GLN B 151 -27.02 -4.90 20.04
C GLN B 151 -26.71 -6.12 19.18
N ASP B 152 -27.51 -7.17 19.30
CA ASP B 152 -27.27 -8.36 18.50
C ASP B 152 -27.59 -8.04 17.03
N ARG B 153 -28.42 -7.03 16.80
CA ARG B 153 -28.76 -6.63 15.43
C ARG B 153 -28.02 -5.36 15.08
N PHE B 154 -26.94 -5.07 15.79
CA PHE B 154 -26.16 -3.87 15.50
C PHE B 154 -24.76 -4.27 15.02
N ALA B 155 -24.29 -3.63 13.96
CA ALA B 155 -22.99 -3.94 13.40
C ALA B 155 -22.43 -2.76 12.64
N GLY B 156 -21.21 -2.92 12.15
CA GLY B 156 -20.60 -1.85 11.37
C GLY B 156 -20.68 -2.29 9.93
N LEU B 157 -20.96 -1.37 9.02
CA LEU B 157 -21.01 -1.71 7.61
C LEU B 157 -20.24 -0.53 7.02
N HIS B 158 -18.94 -0.74 6.83
CA HIS B 158 -18.02 0.29 6.39
C HIS B 158 -17.74 0.24 4.89
N PHE B 159 -18.06 1.33 4.18
CA PHE B 159 -17.85 1.43 2.73
C PHE B 159 -16.69 2.36 2.40
N PHE B 160 -16.36 2.45 1.12
CA PHE B 160 -15.29 3.35 0.71
C PHE B 160 -15.70 4.18 -0.48
N ASN B 161 -15.23 5.42 -0.48
CA ASN B 161 -15.55 6.36 -1.54
C ASN B 161 -14.66 6.14 -2.76
N PRO B 162 -15.23 6.25 -3.97
CA PRO B 162 -16.63 6.56 -4.29
C PRO B 162 -17.43 5.28 -4.09
N VAL B 163 -18.34 5.30 -3.13
CA VAL B 163 -19.13 4.11 -2.82
C VAL B 163 -19.57 3.32 -4.03
N PRO B 164 -20.20 3.98 -5.02
CA PRO B 164 -20.66 3.26 -6.21
C PRO B 164 -19.58 2.50 -7.00
N VAL B 165 -18.32 2.91 -6.86
CA VAL B 165 -17.24 2.24 -7.58
C VAL B 165 -16.53 1.18 -6.73
N MET B 166 -16.07 1.59 -5.55
CA MET B 166 -15.35 0.72 -4.63
C MET B 166 -16.12 -0.53 -4.25
N LYS B 167 -15.59 -1.68 -4.66
CA LYS B 167 -16.21 -2.97 -4.40
C LYS B 167 -16.04 -3.51 -2.98
N LEU B 168 -15.14 -2.91 -2.21
CA LEU B 168 -14.91 -3.38 -0.86
C LEU B 168 -15.85 -2.84 0.20
N VAL B 169 -16.25 -3.72 1.12
CA VAL B 169 -17.09 -3.32 2.25
C VAL B 169 -16.65 -4.15 3.46
N GLU B 170 -16.38 -3.47 4.57
CA GLU B 170 -15.95 -4.15 5.79
C GLU B 170 -17.12 -4.41 6.73
N VAL B 171 -17.54 -5.67 6.83
CA VAL B 171 -18.63 -6.02 7.72
C VAL B 171 -18.08 -6.17 9.12
N ILE B 172 -18.26 -5.14 9.94
CA ILE B 172 -17.76 -5.13 11.31
C ILE B 172 -18.69 -5.80 12.30
N LYS B 173 -18.18 -6.81 12.97
CA LYS B 173 -18.95 -7.57 13.95
C LYS B 173 -18.43 -7.27 15.36
N THR B 174 -19.32 -6.97 16.29
CA THR B 174 -18.89 -6.70 17.65
C THR B 174 -19.08 -7.97 18.44
N PRO B 175 -18.54 -8.03 19.66
CA PRO B 175 -18.69 -9.24 20.46
C PRO B 175 -20.16 -9.58 20.73
N MET B 176 -21.03 -8.56 20.71
CA MET B 176 -22.45 -8.74 20.95
C MET B 176 -23.25 -9.03 19.67
N THR B 177 -22.75 -8.56 18.54
CA THR B 177 -23.41 -8.77 17.27
C THR B 177 -23.75 -10.24 17.04
N SER B 178 -24.98 -10.49 16.60
CA SER B 178 -25.43 -11.84 16.32
C SER B 178 -24.74 -12.43 15.11
N GLN B 179 -24.79 -13.75 15.00
CA GLN B 179 -24.21 -14.46 13.87
C GLN B 179 -25.15 -14.31 12.69
N LYS B 180 -26.45 -14.37 12.96
CA LYS B 180 -27.44 -14.22 11.90
C LYS B 180 -27.35 -12.81 11.34
N THR B 181 -27.06 -11.84 12.20
CA THR B 181 -26.94 -10.46 11.77
C THR B 181 -25.75 -10.36 10.80
N PHE B 182 -24.63 -10.93 11.20
CA PHE B 182 -23.44 -10.93 10.39
C PHE B 182 -23.70 -11.52 9.01
N GLU B 183 -24.27 -12.71 8.98
CA GLU B 183 -24.55 -13.37 7.71
C GLU B 183 -25.51 -12.56 6.84
N SER B 184 -26.43 -11.84 7.49
CA SER B 184 -27.39 -11.04 6.75
C SER B 184 -26.68 -9.88 6.05
N LEU B 185 -25.74 -9.25 6.76
CA LEU B 185 -25.00 -8.14 6.19
C LEU B 185 -23.99 -8.61 5.14
N VAL B 186 -23.51 -9.85 5.28
CA VAL B 186 -22.58 -10.40 4.32
C VAL B 186 -23.34 -10.64 3.02
N ASP B 187 -24.52 -11.26 3.12
CA ASP B 187 -25.35 -11.51 1.93
C ASP B 187 -25.80 -10.19 1.29
N PHE B 188 -26.10 -9.20 2.13
CA PHE B 188 -26.52 -7.91 1.61
C PHE B 188 -25.39 -7.32 0.79
N SER B 189 -24.19 -7.27 1.39
CA SER B 189 -23.01 -6.73 0.72
C SER B 189 -22.81 -7.37 -0.66
N LYS B 190 -22.97 -8.69 -0.74
CA LYS B 190 -22.83 -9.36 -2.01
C LYS B 190 -23.99 -8.97 -2.93
N ALA B 191 -25.20 -8.87 -2.38
CA ALA B 191 -26.37 -8.49 -3.15
C ALA B 191 -26.12 -7.12 -3.77
N LEU B 192 -25.35 -6.29 -3.06
CA LEU B 192 -25.01 -4.97 -3.58
C LEU B 192 -23.95 -5.11 -4.68
N GLY B 193 -23.40 -6.31 -4.83
CA GLY B 193 -22.37 -6.54 -5.83
C GLY B 193 -21.01 -6.16 -5.28
N LYS B 194 -20.91 -6.15 -3.96
CA LYS B 194 -19.68 -5.80 -3.27
C LYS B 194 -18.95 -7.04 -2.79
N HIS B 195 -17.73 -6.86 -2.29
CA HIS B 195 -16.96 -7.98 -1.78
C HIS B 195 -16.72 -7.68 -0.31
N PRO B 196 -17.45 -8.37 0.57
CA PRO B 196 -17.36 -8.21 2.02
C PRO B 196 -16.21 -8.93 2.67
N VAL B 197 -15.56 -8.24 3.60
CA VAL B 197 -14.48 -8.85 4.35
C VAL B 197 -14.87 -8.65 5.80
N SER B 198 -14.45 -9.58 6.65
CA SER B 198 -14.80 -9.51 8.06
C SER B 198 -13.73 -8.90 8.95
N CYS B 199 -14.17 -8.29 10.05
CA CYS B 199 -13.22 -7.69 10.98
C CYS B 199 -13.90 -7.39 12.31
N LYS B 200 -13.14 -7.42 13.40
CA LYS B 200 -13.70 -7.13 14.71
C LYS B 200 -13.75 -5.63 14.96
N ASP B 201 -14.56 -5.23 15.95
CA ASP B 201 -14.73 -3.83 16.26
C ASP B 201 -13.47 -3.21 16.85
N THR B 202 -12.40 -3.20 16.06
CA THR B 202 -11.13 -2.64 16.49
C THR B 202 -10.88 -1.33 15.74
N PRO B 203 -10.33 -0.31 16.43
CA PRO B 203 -10.08 0.97 15.79
C PRO B 203 -9.38 0.87 14.45
N GLY B 204 -10.03 1.41 13.42
CA GLY B 204 -9.47 1.40 12.09
C GLY B 204 -9.86 0.17 11.29
N PHE B 205 -10.42 -0.81 11.97
CA PHE B 205 -10.80 -2.07 11.32
C PHE B 205 -9.58 -2.63 10.57
N ILE B 206 -9.73 -2.86 9.28
CA ILE B 206 -8.61 -3.39 8.50
C ILE B 206 -7.95 -2.30 7.67
N VAL B 207 -8.65 -1.79 6.67
CA VAL B 207 -8.09 -0.77 5.80
C VAL B 207 -7.49 0.46 6.47
N ASN B 208 -8.31 1.25 7.15
CA ASN B 208 -7.78 2.46 7.79
C ASN B 208 -6.71 2.16 8.82
N ARG B 209 -6.87 1.04 9.52
CA ARG B 209 -5.90 0.64 10.54
C ARG B 209 -4.49 0.44 9.95
N LEU B 210 -4.43 -0.08 8.73
CA LEU B 210 -3.15 -0.30 8.07
C LEU B 210 -2.75 0.86 7.16
N LEU B 211 -3.71 1.55 6.59
CA LEU B 211 -3.41 2.66 5.68
C LEU B 211 -3.07 4.01 6.31
N VAL B 212 -3.86 4.44 7.28
CA VAL B 212 -3.63 5.75 7.90
C VAL B 212 -2.28 5.94 8.62
N PRO B 213 -1.94 5.04 9.56
CA PRO B 213 -0.64 5.21 10.24
C PRO B 213 0.51 5.31 9.23
N TYR B 214 0.46 4.48 8.19
CA TYR B 214 1.47 4.52 7.15
C TYR B 214 1.56 5.94 6.62
N LEU B 215 0.41 6.53 6.29
CA LEU B 215 0.37 7.91 5.77
C LEU B 215 1.04 8.86 6.76
N MET B 216 0.71 8.72 8.04
CA MET B 216 1.32 9.56 9.08
C MET B 216 2.84 9.35 9.02
N GLU B 217 3.24 8.08 8.97
CA GLU B 217 4.66 7.74 8.88
C GLU B 217 5.32 8.49 7.72
N ALA B 218 4.68 8.50 6.56
CA ALA B 218 5.24 9.21 5.42
C ALA B 218 5.38 10.71 5.70
N ILE B 219 4.42 11.27 6.42
CA ILE B 219 4.48 12.70 6.74
C ILE B 219 5.66 12.95 7.66
N ARG B 220 5.81 12.09 8.66
CA ARG B 220 6.90 12.24 9.63
C ARG B 220 8.27 12.13 8.97
N LEU B 221 8.40 11.23 7.99
CA LEU B 221 9.66 11.03 7.29
C LEU B 221 10.05 12.31 6.55
N TYR B 222 9.04 13.02 6.08
CA TYR B 222 9.24 14.27 5.36
C TYR B 222 9.64 15.40 6.32
N GLU B 223 9.02 15.41 7.49
CA GLU B 223 9.29 16.45 8.48
C GLU B 223 10.67 16.29 9.11
N ARG B 224 11.19 15.07 9.07
CA ARG B 224 12.51 14.78 9.62
C ARG B 224 13.54 15.41 8.71
N GLY B 225 13.12 15.66 7.46
CA GLY B 225 14.00 16.26 6.48
C GLY B 225 14.73 15.19 5.69
N ASP B 226 14.31 13.95 5.86
CA ASP B 226 14.97 12.84 5.18
C ASP B 226 14.70 12.75 3.68
N ALA B 227 13.59 13.32 3.23
CA ALA B 227 13.26 13.29 1.79
C ALA B 227 12.13 14.27 1.43
N SER B 228 11.96 14.51 0.14
CA SER B 228 10.91 15.42 -0.32
C SER B 228 9.59 14.67 -0.54
N LYS B 229 8.49 15.40 -0.45
CA LYS B 229 7.17 14.83 -0.65
C LYS B 229 7.08 14.22 -2.03
N GLU B 230 7.66 14.91 -3.01
CA GLU B 230 7.63 14.45 -4.38
C GLU B 230 8.38 13.11 -4.51
N ASP B 231 9.60 13.06 -3.98
CA ASP B 231 10.35 11.82 -4.05
C ASP B 231 9.68 10.70 -3.26
N ILE B 232 9.09 11.04 -2.11
CA ILE B 232 8.41 10.04 -1.32
C ILE B 232 7.25 9.48 -2.13
N ASP B 233 6.55 10.33 -2.88
CA ASP B 233 5.46 9.84 -3.69
C ASP B 233 5.98 8.98 -4.82
N THR B 234 6.99 9.48 -5.53
CA THR B 234 7.58 8.72 -6.64
C THR B 234 8.03 7.38 -6.10
N ALA B 235 8.59 7.39 -4.90
CA ALA B 235 9.10 6.17 -4.27
C ALA B 235 8.07 5.07 -4.07
N MET B 236 6.93 5.40 -3.48
CA MET B 236 5.90 4.39 -3.24
C MET B 236 5.17 3.93 -4.50
N LYS B 237 5.14 4.77 -5.52
CA LYS B 237 4.52 4.39 -6.77
C LYS B 237 5.44 3.51 -7.59
N LEU B 238 6.67 3.95 -7.79
CA LEU B 238 7.60 3.16 -8.60
C LEU B 238 8.25 2.01 -7.83
N GLY B 239 8.51 2.24 -6.54
CA GLY B 239 9.12 1.19 -5.74
C GLY B 239 8.18 0.13 -5.20
N ALA B 240 6.99 0.53 -4.75
CA ALA B 240 6.02 -0.41 -4.21
C ALA B 240 4.80 -0.62 -5.10
N GLY B 241 4.80 0.05 -6.25
CA GLY B 241 3.71 -0.09 -7.19
C GLY B 241 2.36 0.45 -6.75
N TYR B 242 2.36 1.43 -5.84
CA TYR B 242 1.11 2.03 -5.36
C TYR B 242 0.53 3.02 -6.38
N PRO B 243 -0.81 3.11 -6.43
CA PRO B 243 -1.52 4.00 -7.34
C PRO B 243 -1.15 5.44 -7.09
N MET B 244 -1.11 5.83 -5.81
CA MET B 244 -0.76 7.20 -5.46
C MET B 244 0.26 7.25 -4.32
N GLY B 245 1.16 8.23 -4.38
CA GLY B 245 2.14 8.39 -3.32
C GLY B 245 1.35 8.80 -2.09
N PRO B 246 1.90 8.66 -0.88
CA PRO B 246 1.18 9.03 0.33
C PRO B 246 0.69 10.48 0.39
N PHE B 247 1.43 11.42 -0.17
CA PHE B 247 0.96 12.79 -0.11
C PHE B 247 -0.20 13.05 -1.08
N GLU B 248 -0.10 12.51 -2.29
CA GLU B 248 -1.18 12.68 -3.26
C GLU B 248 -2.43 12.09 -2.62
N LEU B 249 -2.28 10.90 -2.03
CA LEU B 249 -3.38 10.20 -1.39
C LEU B 249 -4.02 10.95 -0.22
N LEU B 250 -3.19 11.63 0.58
CA LEU B 250 -3.69 12.40 1.71
C LEU B 250 -4.60 13.53 1.23
N ASP B 251 -4.13 14.29 0.25
CA ASP B 251 -4.91 15.37 -0.33
C ASP B 251 -6.23 14.80 -0.86
N TYR B 252 -6.15 13.62 -1.45
CA TYR B 252 -7.32 12.94 -2.00
C TYR B 252 -8.37 12.61 -0.94
N VAL B 253 -8.00 11.82 0.05
CA VAL B 253 -8.92 11.42 1.11
C VAL B 253 -9.26 12.54 2.09
N GLY B 254 -8.58 13.68 1.98
CA GLY B 254 -8.85 14.79 2.88
C GLY B 254 -7.94 14.86 4.11
N LEU B 255 -7.22 15.97 4.24
CA LEU B 255 -6.31 16.15 5.37
C LEU B 255 -7.04 16.29 6.70
N ASP B 256 -8.17 16.98 6.68
CA ASP B 256 -8.96 17.17 7.89
C ASP B 256 -9.56 15.83 8.29
N THR B 257 -9.98 15.07 7.29
CA THR B 257 -10.58 13.77 7.54
C THR B 257 -9.57 12.87 8.24
N THR B 258 -8.35 12.87 7.72
CA THR B 258 -7.27 12.07 8.31
C THR B 258 -6.94 12.56 9.72
N LYS B 259 -6.69 13.86 9.86
CA LYS B 259 -6.36 14.44 11.15
C LYS B 259 -7.36 14.01 12.22
N PHE B 260 -8.63 14.19 11.91
CA PHE B 260 -9.71 13.84 12.82
C PHE B 260 -9.61 12.40 13.30
N ILE B 261 -9.42 11.47 12.36
CA ILE B 261 -9.33 10.06 12.72
C ILE B 261 -8.12 9.80 13.62
N VAL B 262 -6.97 10.33 13.24
CA VAL B 262 -5.76 10.12 14.04
C VAL B 262 -5.95 10.69 15.45
N ASP B 263 -6.40 11.93 15.55
CA ASP B 263 -6.62 12.55 16.85
C ASP B 263 -7.52 11.64 17.69
N GLY B 264 -8.47 10.99 17.01
CA GLY B 264 -9.37 10.09 17.71
C GLY B 264 -8.62 8.95 18.36
N TRP B 265 -7.64 8.38 17.65
CA TRP B 265 -6.85 7.29 18.21
C TRP B 265 -5.85 7.82 19.20
N HIS B 266 -5.31 8.99 18.90
CA HIS B 266 -4.33 9.64 19.77
C HIS B 266 -4.94 9.86 21.14
N GLU B 267 -6.10 10.51 21.19
CA GLU B 267 -6.79 10.78 22.44
C GLU B 267 -7.11 9.47 23.16
N MET B 268 -7.38 8.44 22.37
CA MET B 268 -7.72 7.12 22.89
C MET B 268 -6.49 6.40 23.46
N ASP B 269 -5.34 6.65 22.84
CA ASP B 269 -4.09 6.05 23.29
C ASP B 269 -3.03 7.14 23.16
N ALA B 270 -2.90 7.94 24.22
CA ALA B 270 -1.96 9.06 24.23
C ALA B 270 -0.49 8.69 24.11
N GLU B 271 -0.16 7.46 24.47
CA GLU B 271 1.23 7.00 24.42
C GLU B 271 1.72 6.51 23.07
N ASN B 272 0.93 5.67 22.42
CA ASN B 272 1.31 5.12 21.12
C ASN B 272 1.84 6.22 20.20
N PRO B 273 3.13 6.14 19.85
CA PRO B 273 3.81 7.09 18.98
C PRO B 273 3.25 7.14 17.56
N LEU B 274 2.52 6.10 17.17
CA LEU B 274 1.97 6.05 15.82
C LEU B 274 0.82 7.06 15.61
N HIS B 275 0.21 7.52 16.70
CA HIS B 275 -0.89 8.47 16.58
C HIS B 275 -0.50 9.88 17.00
N GLN B 276 0.80 10.12 17.10
CA GLN B 276 1.28 11.44 17.48
C GLN B 276 0.90 12.45 16.41
N PRO B 277 0.38 13.61 16.82
CA PRO B 277 -0.01 14.64 15.86
C PRO B 277 1.15 15.09 14.99
N SER B 278 0.83 15.56 13.79
CA SER B 278 1.83 16.06 12.87
C SER B 278 1.69 17.57 12.76
N PRO B 279 2.72 18.30 13.17
CA PRO B 279 2.61 19.76 13.08
C PRO B 279 2.25 20.24 11.68
N SER B 280 2.83 19.63 10.66
CA SER B 280 2.54 20.03 9.27
C SER B 280 1.11 19.73 8.88
N LEU B 281 0.59 18.61 9.36
CA LEU B 281 -0.78 18.24 9.07
C LEU B 281 -1.68 19.26 9.73
N ASN B 282 -1.49 19.45 11.03
CA ASN B 282 -2.28 20.42 11.79
C ASN B 282 -2.31 21.79 11.13
N LYS B 283 -1.14 22.28 10.74
CA LYS B 283 -1.09 23.59 10.10
C LYS B 283 -2.02 23.65 8.90
N LEU B 284 -1.85 22.74 7.94
CA LEU B 284 -2.69 22.73 6.76
C LEU B 284 -4.18 22.74 7.11
N VAL B 285 -4.58 21.88 8.04
CA VAL B 285 -5.98 21.82 8.45
C VAL B 285 -6.45 23.15 9.02
N ALA B 286 -5.63 23.74 9.88
CA ALA B 286 -5.97 25.01 10.50
C ALA B 286 -6.21 26.11 9.48
N GLU B 287 -5.41 26.16 8.43
CA GLU B 287 -5.60 27.18 7.41
C GLU B 287 -6.43 26.70 6.23
N ASN B 288 -7.47 25.94 6.57
CA ASN B 288 -8.42 25.38 5.62
C ASN B 288 -7.86 24.93 4.27
N LYS B 289 -6.88 24.04 4.35
CA LYS B 289 -6.24 23.46 3.17
C LYS B 289 -6.44 21.97 3.39
N PHE B 290 -7.60 21.50 2.96
CA PHE B 290 -8.01 20.13 3.14
C PHE B 290 -7.64 19.13 2.04
N GLY B 291 -7.17 19.62 0.90
CA GLY B 291 -6.78 18.71 -0.17
C GLY B 291 -7.34 19.08 -1.53
N LYS B 292 -7.98 18.13 -2.19
CA LYS B 292 -8.57 18.41 -3.50
C LYS B 292 -9.86 19.17 -3.29
N LYS B 293 -10.55 18.83 -2.21
CA LYS B 293 -11.82 19.44 -1.87
C LYS B 293 -11.70 20.85 -1.32
N THR B 294 -10.68 21.59 -1.75
CA THR B 294 -10.45 22.98 -1.35
C THR B 294 -9.37 23.49 -2.26
N GLY B 295 -8.97 22.64 -3.21
CA GLY B 295 -7.93 23.00 -4.16
C GLY B 295 -6.52 23.11 -3.61
N GLU B 296 -6.31 22.64 -2.37
CA GLU B 296 -4.99 22.70 -1.77
C GLU B 296 -4.87 21.93 -0.45
N GLY B 297 -3.83 21.10 -0.39
CA GLY B 297 -3.52 20.30 0.78
C GLY B 297 -2.01 20.35 0.88
N PHE B 298 -1.34 19.25 0.58
CA PHE B 298 0.12 19.27 0.59
C PHE B 298 0.55 19.83 -0.75
N TYR B 299 -0.35 19.74 -1.72
CA TYR B 299 -0.13 20.24 -3.07
C TYR B 299 -1.31 21.14 -3.44
N LYS B 300 -1.13 21.99 -4.44
CA LYS B 300 -2.21 22.88 -4.90
C LYS B 300 -2.91 22.26 -6.10
N TYR B 301 -4.21 22.53 -6.25
CA TYR B 301 -4.99 21.96 -7.35
C TYR B 301 -5.86 22.94 -8.15
N LYS B 302 -6.06 22.61 -9.42
CA LYS B 302 -6.88 23.37 -10.37
C LYS B 302 -6.78 24.90 -10.27
#